data_4P52
#
_entry.id   4P52
#
_cell.length_a   101.608
_cell.length_b   101.608
_cell.length_c   195.982
_cell.angle_alpha   90.000
_cell.angle_beta   90.000
_cell.angle_gamma   120.000
#
_symmetry.space_group_name_H-M   'P 64 2 2'
#
loop_
_entity.id
_entity.type
_entity.pdbx_description
1 polymer 'Homoserine kinase'
2 water water
#
_entity_poly.entity_id   1
_entity_poly.type   'polypeptide(L)'
_entity_poly.pdbx_seq_one_letter_code
;(MSE)HHHHHHSSGVDLGTENLYFQS(MSE)KDSIKVFAPATVANVSCGFDVLGFAVDNPGDEVLLRLSDKKGVRITSIT
GDDGRLPKDAEKNTVSISILRYLETLGIEQGIEIELTKK(MSE)PLGSGLGSSAASTVAGVYAINQLLGNK(MSE)EVKD
LLPFA(MSE)EGEFLACGSAHADNVAPCLYGGFVLVRSYDPLDVVKLPVPANLYATIIHPHVEVQTKDARNILPKQIALS
QAVAQWGNVGGLVAGLL(MSE)NDTSLIGRS(MSE)QDHIVEPARSVLIPGFDDVKKAALDAGALGCSISGSGPSIFALS
TSQEAAQKIGQA(MSE)KKGFDAINIGSDVYVSTVNQQGPKVI
;
_entity_poly.pdbx_strand_id   A
#
# COMPACT_ATOMS: atom_id res chain seq x y z
N ASN A 17 5.28 17.82 36.48
CA ASN A 17 6.10 16.85 37.26
C ASN A 17 6.47 15.55 36.48
N LEU A 18 6.38 15.61 35.16
CA LEU A 18 7.01 14.60 34.28
C LEU A 18 7.93 15.27 33.25
N TYR A 19 9.13 14.71 33.11
CA TYR A 19 10.01 15.04 32.02
C TYR A 19 10.36 13.76 31.30
N PHE A 20 10.09 13.79 30.01
CA PHE A 20 10.66 12.86 29.07
C PHE A 20 11.38 13.65 28.00
N GLN A 21 12.55 13.20 27.60
CA GLN A 21 13.16 13.72 26.38
C GLN A 21 14.00 12.64 25.75
N SER A 22 14.11 12.72 24.43
CA SER A 22 14.89 11.81 23.64
C SER A 22 16.21 12.49 23.31
N MSE A 23 17.32 11.79 23.51
CA MSE A 23 18.63 12.28 23.07
C MSE A 23 18.92 11.86 21.63
O MSE A 23 19.92 12.31 21.06
CB MSE A 23 19.72 11.78 24.01
CG MSE A 23 19.51 12.26 25.44
SE MSE A 23 19.60 14.25 25.66
CE MSE A 23 17.83 14.99 25.19
N LYS A 24 18.08 11.02 21.04
CA LYS A 24 18.32 10.60 19.67
C LYS A 24 18.27 11.81 18.70
N ASP A 25 19.23 11.89 17.79
CA ASP A 25 19.19 12.89 16.73
C ASP A 25 18.92 12.26 15.35
N SER A 26 18.54 11.01 15.36
CA SER A 26 18.16 10.32 14.17
C SER A 26 17.05 9.31 14.46
N ILE A 27 16.35 8.88 13.43
CA ILE A 27 15.31 7.88 13.63
C ILE A 27 15.19 7.04 12.37
N LYS A 28 14.82 5.78 12.52
CA LYS A 28 14.58 4.93 11.39
C LYS A 28 13.16 4.38 11.46
N VAL A 29 12.37 4.57 10.40
CA VAL A 29 11.01 4.06 10.40
C VAL A 29 10.79 3.09 9.25
N PHE A 30 10.01 2.06 9.52
CA PHE A 30 9.62 1.14 8.49
C PHE A 30 8.14 1.34 8.20
N ALA A 31 7.73 1.31 6.93
CA ALA A 31 6.32 1.45 6.60
C ALA A 31 5.93 0.33 5.66
N PRO A 32 4.75 -0.29 5.87
CA PRO A 32 4.42 -1.51 5.16
C PRO A 32 3.82 -1.36 3.76
N ALA A 33 4.07 -2.36 2.94
CA ALA A 33 3.29 -2.56 1.70
C ALA A 33 1.78 -2.60 2.02
N THR A 34 0.98 -2.17 1.06
CA THR A 34 -0.46 -2.19 1.21
C THR A 34 -1.07 -2.84 0.00
N VAL A 35 -2.22 -3.48 0.17
CA VAL A 35 -2.98 -3.97 -0.96
C VAL A 35 -4.22 -3.07 -1.21
N ALA A 36 -4.21 -2.36 -2.34
CA ALA A 36 -5.36 -1.53 -2.70
C ALA A 36 -6.36 -2.24 -3.65
N ASN A 37 -7.56 -1.65 -3.76
CA ASN A 37 -8.67 -2.17 -4.53
C ASN A 37 -9.35 -3.39 -3.94
N VAL A 38 -8.58 -4.36 -3.49
CA VAL A 38 -9.17 -5.51 -2.76
C VAL A 38 -10.38 -6.07 -3.57
N SER A 39 -10.14 -6.44 -4.82
CA SER A 39 -11.21 -6.93 -5.68
C SER A 39 -12.21 -5.84 -6.11
N CYS A 40 -13.41 -5.85 -5.54
CA CYS A 40 -14.47 -5.03 -6.10
C CYS A 40 -14.37 -3.56 -5.67
N GLY A 41 -13.59 -3.27 -4.63
CA GLY A 41 -13.52 -1.95 -4.08
C GLY A 41 -12.48 -1.04 -4.71
N PHE A 42 -12.46 -1.00 -6.05
CA PHE A 42 -11.52 -0.14 -6.78
C PHE A 42 -11.49 1.31 -6.25
N ASP A 43 -10.28 1.75 -5.89
CA ASP A 43 -10.03 3.13 -5.37
C ASP A 43 -10.56 3.42 -3.98
N VAL A 44 -11.20 2.44 -3.34
CA VAL A 44 -11.89 2.73 -2.07
C VAL A 44 -11.58 1.78 -0.89
N LEU A 45 -11.00 0.61 -1.15
CA LEU A 45 -10.61 -0.34 -0.08
C LEU A 45 -9.11 -0.60 -0.18
N GLY A 46 -8.47 -0.77 0.96
CA GLY A 46 -7.05 -1.05 1.01
C GLY A 46 -6.72 -1.56 2.40
N PHE A 47 -5.66 -2.38 2.49
CA PHE A 47 -5.22 -2.86 3.79
C PHE A 47 -3.72 -3.08 3.80
N ALA A 48 -3.12 -3.03 4.98
CA ALA A 48 -1.66 -3.12 5.12
C ALA A 48 -1.25 -4.55 5.38
N VAL A 49 -0.07 -4.93 4.89
CA VAL A 49 0.42 -6.26 5.23
C VAL A 49 1.70 -6.11 6.02
N ASP A 50 2.27 -7.22 6.47
CA ASP A 50 3.49 -7.19 7.30
C ASP A 50 4.73 -6.89 6.48
N ASN A 51 4.80 -7.45 5.25
CA ASN A 51 5.96 -7.39 4.37
C ASN A 51 5.50 -7.44 2.94
N PRO A 52 6.27 -6.81 2.03
CA PRO A 52 7.45 -6.05 2.41
C PRO A 52 7.11 -4.60 2.79
N GLY A 53 8.04 -3.67 2.59
CA GLY A 53 7.83 -2.29 3.03
C GLY A 53 9.06 -1.46 2.70
N ASP A 54 9.08 -0.20 3.10
CA ASP A 54 10.26 0.61 2.94
C ASP A 54 10.77 1.14 4.25
N GLU A 55 12.05 1.52 4.28
CA GLU A 55 12.65 2.12 5.47
C GLU A 55 13.17 3.51 5.18
N VAL A 56 12.91 4.44 6.10
CA VAL A 56 13.46 5.79 6.00
C VAL A 56 14.24 6.12 7.26
N LEU A 57 15.46 6.63 7.08
CA LEU A 57 16.27 7.11 8.18
C LEU A 57 16.40 8.62 8.05
N LEU A 58 16.15 9.37 9.13
CA LEU A 58 16.30 10.81 9.11
C LEU A 58 17.33 11.20 10.14
N ARG A 59 18.24 12.12 9.82
CA ARG A 59 19.11 12.70 10.85
C ARG A 59 18.92 14.20 10.87
N LEU A 60 19.11 14.79 12.04
CA LEU A 60 19.09 16.24 12.18
C LEU A 60 20.39 16.81 11.62
N SER A 61 20.29 17.95 10.93
CA SER A 61 21.46 18.61 10.39
C SER A 61 21.50 20.08 10.76
N ASP A 62 22.69 20.57 11.10
CA ASP A 62 22.90 22.00 11.33
C ASP A 62 22.86 22.78 10.02
N LYS A 63 23.22 22.11 8.92
CA LYS A 63 23.10 22.69 7.59
C LYS A 63 21.62 22.66 7.15
N LYS A 64 21.17 23.74 6.53
CA LYS A 64 19.74 23.93 6.22
C LYS A 64 19.19 23.06 5.09
N GLY A 65 17.88 22.96 5.04
CA GLY A 65 17.19 22.26 3.97
C GLY A 65 16.96 20.79 4.24
N VAL A 66 16.00 20.23 3.52
CA VAL A 66 15.76 18.83 3.53
C VAL A 66 16.52 18.26 2.34
N ARG A 67 17.43 17.32 2.58
CA ARG A 67 18.31 16.81 1.54
C ARG A 67 18.29 15.30 1.51
N ILE A 68 18.42 14.73 0.32
CA ILE A 68 18.54 13.30 0.24
C ILE A 68 20.00 12.85 0.12
N THR A 69 20.42 12.10 1.12
CA THR A 69 21.80 11.70 1.29
C THR A 69 22.05 10.46 0.46
N SER A 70 21.05 9.61 0.30
CA SER A 70 21.30 8.29 -0.21
C SER A 70 20.02 7.51 -0.45
N ILE A 71 19.98 6.75 -1.54
CA ILE A 71 18.86 5.86 -1.87
C ILE A 71 19.40 4.49 -2.26
N THR A 72 18.80 3.44 -1.72
CA THR A 72 19.29 2.08 -1.86
C THR A 72 18.10 1.25 -2.29
N GLY A 73 18.35 0.18 -3.05
CA GLY A 73 17.31 -0.81 -3.43
C GLY A 73 16.44 -0.30 -4.57
N ASP A 74 17.04 0.53 -5.40
CA ASP A 74 16.40 1.54 -6.20
C ASP A 74 16.66 1.29 -7.70
N ASP A 75 17.87 0.80 -7.99
CA ASP A 75 18.46 0.83 -9.33
C ASP A 75 18.58 2.24 -9.89
N GLY A 76 18.96 3.17 -9.01
CA GLY A 76 19.05 4.60 -9.33
C GLY A 76 17.84 5.18 -10.03
N ARG A 77 16.69 4.53 -9.90
CA ARG A 77 15.48 4.94 -10.62
C ARG A 77 14.77 6.14 -10.00
N LEU A 78 14.97 6.38 -8.70
CA LEU A 78 14.25 7.43 -7.98
C LEU A 78 14.97 8.77 -8.01
N PRO A 79 14.20 9.88 -8.04
CA PRO A 79 14.75 11.25 -8.05
C PRO A 79 15.62 11.59 -6.81
N LYS A 80 16.89 11.90 -7.04
CA LYS A 80 17.79 12.31 -5.97
C LYS A 80 17.54 13.78 -5.54
N ASP A 81 16.90 14.57 -6.41
CA ASP A 81 16.62 15.99 -6.14
C ASP A 81 15.46 16.13 -5.16
N ALA A 82 15.69 16.88 -4.09
CA ALA A 82 14.73 17.00 -2.95
C ALA A 82 13.36 17.56 -3.31
N GLU A 83 13.29 18.37 -4.36
CA GLU A 83 12.03 19.01 -4.76
C GLU A 83 11.27 18.14 -5.73
N LYS A 84 11.92 17.05 -6.17
CA LYS A 84 11.32 16.06 -7.06
C LYS A 84 10.99 14.74 -6.37
N ASN A 85 11.47 14.55 -5.13
CA ASN A 85 11.28 13.27 -4.43
C ASN A 85 10.15 13.30 -3.42
N THR A 86 9.35 12.25 -3.44
CA THR A 86 8.14 12.21 -2.66
C THR A 86 8.37 12.40 -1.14
N VAL A 87 9.42 11.78 -0.63
CA VAL A 87 9.72 11.79 0.79
C VAL A 87 10.18 13.18 1.25
N SER A 88 11.10 13.78 0.52
CA SER A 88 11.59 15.10 0.86
C SER A 88 10.51 16.20 0.71
N ILE A 89 9.64 16.05 -0.30
CA ILE A 89 8.55 17.03 -0.50
C ILE A 89 7.63 16.99 0.72
N SER A 90 7.23 15.78 1.11
CA SER A 90 6.38 15.58 2.29
C SER A 90 6.92 16.20 3.57
N ILE A 91 8.19 15.91 3.84
CA ILE A 91 8.85 16.36 5.05
C ILE A 91 9.03 17.87 5.01
N LEU A 92 9.39 18.40 3.85
CA LEU A 92 9.54 19.85 3.70
C LEU A 92 8.23 20.57 4.00
N ARG A 93 7.10 20.00 3.53
CA ARG A 93 5.79 20.60 3.73
C ARG A 93 5.40 20.53 5.18
N TYR A 94 5.76 19.45 5.84
CA TYR A 94 5.43 19.29 7.23
C TYR A 94 6.14 20.39 8.02
N LEU A 95 7.45 20.48 7.84
CA LEU A 95 8.25 21.53 8.47
C LEU A 95 7.70 22.92 8.18
N GLU A 96 7.34 23.18 6.93
CA GLU A 96 6.78 24.50 6.61
C GLU A 96 5.48 24.78 7.36
N THR A 97 4.53 23.86 7.30
CA THR A 97 3.28 24.02 8.05
C THR A 97 3.46 24.39 9.53
N LEU A 98 4.41 23.77 10.20
CA LEU A 98 4.63 24.02 11.63
C LEU A 98 5.58 25.18 11.87
N GLY A 99 6.07 25.77 10.79
CA GLY A 99 7.05 26.86 10.82
C GLY A 99 8.32 26.48 11.55
N ILE A 100 8.91 25.33 11.20
CA ILE A 100 10.18 24.88 11.75
C ILE A 100 11.33 24.98 10.74
N GLU A 101 12.40 25.65 11.18
CA GLU A 101 13.63 25.70 10.44
C GLU A 101 14.54 24.64 11.02
N GLN A 102 14.64 23.53 10.31
CA GLN A 102 15.48 22.43 10.75
C GLN A 102 16.04 21.69 9.53
N GLY A 103 17.36 21.50 9.50
CA GLY A 103 18.00 20.69 8.48
C GLY A 103 17.72 19.20 8.71
N ILE A 104 17.47 18.48 7.62
CA ILE A 104 17.17 17.06 7.67
C ILE A 104 17.89 16.35 6.54
N GLU A 105 18.63 15.29 6.86
CA GLU A 105 19.15 14.37 5.85
C GLU A 105 18.33 13.12 5.84
N ILE A 106 18.04 12.61 4.65
CA ILE A 106 17.23 11.42 4.46
C ILE A 106 18.07 10.36 3.81
N GLU A 107 18.08 9.16 4.38
CA GLU A 107 18.59 7.97 3.72
C GLU A 107 17.38 7.09 3.50
N LEU A 108 17.12 6.71 2.26
CA LEU A 108 15.94 5.89 1.95
C LEU A 108 16.34 4.51 1.50
N THR A 109 15.75 3.48 2.11
CA THR A 109 16.02 2.10 1.71
C THR A 109 14.75 1.43 1.20
N LYS A 110 14.72 1.16 -0.10
CA LYS A 110 13.66 0.33 -0.69
C LYS A 110 13.89 -1.13 -0.35
N LYS A 111 12.93 -1.72 0.34
CA LYS A 111 12.95 -3.12 0.71
C LYS A 111 11.83 -3.79 -0.07
N MSE A 112 11.41 -3.15 -1.16
CA MSE A 112 10.34 -3.66 -2.00
C MSE A 112 10.52 -3.04 -3.35
O MSE A 112 11.07 -1.94 -3.46
CB MSE A 112 8.99 -3.24 -1.43
CG MSE A 112 8.75 -1.73 -1.41
SE MSE A 112 6.96 -1.36 -0.63
CE MSE A 112 5.83 -2.26 -1.97
N PRO A 113 10.03 -3.72 -4.40
CA PRO A 113 10.22 -3.25 -5.78
C PRO A 113 9.25 -2.16 -6.20
N LEU A 114 9.68 -1.25 -7.06
CA LEU A 114 8.83 -0.14 -7.50
C LEU A 114 7.84 -0.61 -8.57
N GLY A 115 6.68 0.06 -8.63
CA GLY A 115 5.59 -0.28 -9.55
C GLY A 115 5.16 -1.74 -9.44
N SER A 116 5.17 -2.28 -8.23
CA SER A 116 4.86 -3.66 -8.03
C SER A 116 3.38 -3.89 -7.76
N GLY A 117 2.62 -2.79 -7.61
CA GLY A 117 1.24 -2.87 -7.18
C GLY A 117 1.11 -3.06 -5.67
N LEU A 118 2.16 -2.72 -4.92
CA LEU A 118 2.14 -2.92 -3.47
C LEU A 118 2.25 -1.64 -2.67
N GLY A 119 2.02 -0.49 -3.30
CA GLY A 119 2.01 0.80 -2.61
C GLY A 119 3.41 1.25 -2.23
N SER A 120 4.32 1.20 -3.21
CA SER A 120 5.73 1.43 -2.96
C SER A 120 6.03 2.88 -2.65
N SER A 121 5.51 3.76 -3.49
CA SER A 121 5.69 5.18 -3.28
C SER A 121 5.03 5.62 -1.97
N ALA A 122 3.88 5.06 -1.65
CA ALA A 122 3.15 5.39 -0.44
C ALA A 122 3.97 5.08 0.81
N ALA A 123 4.58 3.89 0.82
CA ALA A 123 5.32 3.38 1.96
C ALA A 123 6.49 4.31 2.30
N SER A 124 7.22 4.73 1.26
CA SER A 124 8.31 5.67 1.44
C SER A 124 7.84 6.97 2.06
N THR A 125 6.73 7.49 1.52
CA THR A 125 6.21 8.77 1.90
C THR A 125 5.70 8.73 3.34
N VAL A 126 4.98 7.66 3.67
CA VAL A 126 4.43 7.47 5.01
C VAL A 126 5.59 7.30 6.00
N ALA A 127 6.60 6.51 5.62
CA ALA A 127 7.80 6.39 6.42
C ALA A 127 8.45 7.74 6.75
N GLY A 128 8.61 8.60 5.75
CA GLY A 128 9.21 9.91 5.98
C GLY A 128 8.41 10.80 6.94
N VAL A 129 7.09 10.81 6.77
CA VAL A 129 6.24 11.73 7.53
C VAL A 129 6.10 11.27 8.98
N TYR A 130 5.89 9.97 9.14
CA TYR A 130 5.89 9.36 10.44
C TYR A 130 7.20 9.65 11.13
N ALA A 131 8.31 9.44 10.40
CA ALA A 131 9.64 9.65 10.96
C ALA A 131 9.84 11.05 11.48
N ILE A 132 9.56 12.06 10.64
CA ILE A 132 9.84 13.46 11.00
C ILE A 132 9.01 13.86 12.21
N ASN A 133 7.78 13.36 12.25
CA ASN A 133 6.88 13.69 13.33
C ASN A 133 7.35 13.14 14.69
N GLN A 134 7.79 11.89 14.69
CA GLN A 134 8.27 11.34 15.93
C GLN A 134 9.59 11.97 16.33
N LEU A 135 10.53 12.09 15.39
CA LEU A 135 11.84 12.67 15.66
C LEU A 135 11.78 14.09 16.26
N LEU A 136 10.84 14.91 15.83
CA LEU A 136 10.74 16.27 16.36
C LEU A 136 9.81 16.36 17.54
N GLY A 137 9.53 15.24 18.19
CA GLY A 137 8.74 15.24 19.43
C GLY A 137 7.24 15.16 19.31
N ASN A 138 6.71 14.50 18.28
CA ASN A 138 5.26 14.23 18.16
C ASN A 138 4.35 15.45 18.25
N LYS A 139 4.67 16.48 17.48
CA LYS A 139 3.92 17.71 17.48
C LYS A 139 2.53 17.60 16.87
N MSE A 140 2.30 16.54 16.11
CA MSE A 140 1.02 16.31 15.47
C MSE A 140 0.54 14.91 15.75
O MSE A 140 1.34 13.99 15.99
CB MSE A 140 1.22 16.43 13.98
CG MSE A 140 1.60 17.82 13.56
SE MSE A 140 0.93 18.03 11.71
CE MSE A 140 -0.56 19.24 12.21
N GLU A 141 -0.77 14.75 15.76
CA GLU A 141 -1.37 13.43 15.88
C GLU A 141 -1.17 12.63 14.61
N VAL A 142 -0.90 11.34 14.76
CA VAL A 142 -0.69 10.44 13.61
C VAL A 142 -1.81 10.59 12.58
N LYS A 143 -3.05 10.58 13.06
CA LYS A 143 -4.23 10.94 12.28
C LYS A 143 -3.92 12.06 11.27
N ASP A 144 -3.34 13.16 11.76
CA ASP A 144 -3.22 14.39 10.99
C ASP A 144 -2.06 14.39 10.02
N LEU A 145 -1.27 13.32 10.00
CA LEU A 145 -0.17 13.23 9.05
C LEU A 145 -0.63 12.88 7.64
N LEU A 146 -1.83 12.31 7.52
CA LEU A 146 -2.31 11.84 6.22
C LEU A 146 -2.23 12.89 5.07
N PRO A 147 -2.73 14.14 5.32
CA PRO A 147 -2.70 15.12 4.22
C PRO A 147 -1.28 15.40 3.69
N PHE A 148 -0.30 15.45 4.59
CA PHE A 148 1.06 15.67 4.16
C PHE A 148 1.57 14.54 3.29
N ALA A 149 1.21 13.31 3.64
CA ALA A 149 1.63 12.17 2.85
C ALA A 149 0.92 12.22 1.49
N MSE A 150 -0.35 12.63 1.49
CA MSE A 150 -1.12 12.86 0.25
C MSE A 150 -0.51 13.94 -0.64
O MSE A 150 -0.28 13.69 -1.82
CB MSE A 150 -2.59 13.19 0.56
CG MSE A 150 -3.46 12.10 1.19
SE MSE A 150 -3.59 10.47 0.07
CE MSE A 150 -4.89 11.07 -1.31
N GLU A 151 -0.25 15.15 -0.10
CA GLU A 151 0.34 16.25 -0.90
C GLU A 151 1.71 15.86 -1.47
N GLY A 152 2.51 15.16 -0.64
CA GLY A 152 3.79 14.63 -1.07
C GLY A 152 3.66 13.79 -2.32
N GLU A 153 2.84 12.74 -2.25
CA GLU A 153 2.53 11.87 -3.38
C GLU A 153 2.03 12.62 -4.62
N PHE A 154 1.11 13.56 -4.39
CA PHE A 154 0.50 14.34 -5.45
C PHE A 154 1.56 15.16 -6.17
N LEU A 155 2.30 15.98 -5.44
CA LEU A 155 3.35 16.83 -6.05
C LEU A 155 4.47 16.04 -6.76
N ALA A 156 4.80 14.84 -6.28
CA ALA A 156 5.86 14.05 -6.90
C ALA A 156 5.41 13.20 -8.09
N CYS A 157 4.41 12.35 -7.91
CA CYS A 157 3.97 11.44 -8.96
C CYS A 157 2.70 11.94 -9.68
N GLY A 158 2.26 13.17 -9.36
CA GLY A 158 1.05 13.78 -9.91
C GLY A 158 -0.28 13.09 -9.57
N SER A 159 -0.30 12.30 -8.50
CA SER A 159 -1.35 11.30 -8.31
C SER A 159 -1.21 10.65 -6.93
N ALA A 160 -2.21 10.80 -6.08
CA ALA A 160 -2.17 10.23 -4.71
C ALA A 160 -3.25 9.19 -4.46
N HIS A 161 -2.88 8.07 -3.83
CA HIS A 161 -3.87 7.01 -3.58
C HIS A 161 -4.12 6.76 -2.11
N ALA A 162 -5.24 7.27 -1.59
CA ALA A 162 -5.56 7.16 -0.19
C ALA A 162 -5.75 5.73 0.25
N ASP A 163 -6.21 4.88 -0.67
CA ASP A 163 -6.38 3.47 -0.32
C ASP A 163 -5.05 2.73 -0.23
N ASN A 164 -3.95 3.38 -0.64
CA ASN A 164 -2.62 2.91 -0.24
C ASN A 164 -2.11 3.66 1.00
N VAL A 165 -2.16 4.98 0.95
CA VAL A 165 -1.56 5.83 1.96
C VAL A 165 -2.20 5.67 3.34
N ALA A 166 -3.54 5.73 3.42
CA ALA A 166 -4.23 5.64 4.72
C ALA A 166 -3.94 4.34 5.49
N PRO A 167 -4.11 3.16 4.85
CA PRO A 167 -3.81 1.91 5.58
C PRO A 167 -2.32 1.76 5.91
N CYS A 168 -1.47 2.36 5.06
CA CYS A 168 -0.07 2.32 5.31
C CYS A 168 0.24 3.10 6.60
N LEU A 169 -0.29 4.30 6.70
CA LEU A 169 -0.07 5.15 7.85
C LEU A 169 -0.82 4.71 9.09
N TYR A 170 -2.04 4.23 8.93
CA TYR A 170 -2.89 3.96 10.07
C TYR A 170 -2.86 2.53 10.47
N GLY A 171 -2.36 1.67 9.59
CA GLY A 171 -2.51 0.23 9.79
C GLY A 171 -3.92 -0.24 9.53
N GLY A 172 -4.06 -1.54 9.33
CA GLY A 172 -5.37 -2.15 9.29
C GLY A 172 -6.02 -2.11 7.93
N PHE A 173 -7.34 -2.20 7.96
CA PHE A 173 -8.17 -2.25 6.78
C PHE A 173 -9.03 -0.99 6.71
N VAL A 174 -9.01 -0.33 5.55
CA VAL A 174 -9.56 1.00 5.41
C VAL A 174 -10.54 1.13 4.24
N LEU A 175 -11.62 1.87 4.49
CA LEU A 175 -12.53 2.32 3.42
C LEU A 175 -12.29 3.81 3.20
N VAL A 176 -12.04 4.18 1.95
CA VAL A 176 -11.93 5.58 1.57
C VAL A 176 -13.26 5.97 0.95
N ARG A 177 -14.07 6.62 1.78
CA ARG A 177 -15.44 6.87 1.42
C ARG A 177 -15.56 8.02 0.42
N SER A 178 -14.65 9.00 0.51
CA SER A 178 -14.58 10.12 -0.41
C SER A 178 -13.14 10.68 -0.45
N TYR A 179 -12.71 11.22 -1.60
CA TYR A 179 -11.40 11.89 -1.76
C TYR A 179 -11.50 13.37 -1.45
N ASP A 180 -12.58 13.99 -1.89
CA ASP A 180 -12.80 15.40 -1.58
C ASP A 180 -14.24 15.62 -1.07
N PRO A 181 -14.38 15.84 0.26
CA PRO A 181 -13.26 15.90 1.22
C PRO A 181 -12.76 14.51 1.59
N LEU A 182 -11.56 14.41 2.13
CA LEU A 182 -10.94 13.11 2.40
C LEU A 182 -11.61 12.44 3.58
N ASP A 183 -12.31 11.35 3.31
CA ASP A 183 -13.14 10.71 4.32
C ASP A 183 -12.74 9.24 4.43
N VAL A 184 -12.04 8.92 5.51
CA VAL A 184 -11.43 7.60 5.68
C VAL A 184 -11.97 6.91 6.92
N VAL A 185 -12.23 5.62 6.80
CA VAL A 185 -12.91 4.87 7.84
C VAL A 185 -12.13 3.59 8.07
N LYS A 186 -11.66 3.34 9.28
CA LYS A 186 -10.98 2.07 9.55
C LYS A 186 -12.00 0.99 9.93
N LEU A 187 -11.89 -0.18 9.32
CA LEU A 187 -12.86 -1.25 9.58
C LEU A 187 -12.24 -2.44 10.29
N PRO A 188 -12.98 -3.09 11.21
CA PRO A 188 -12.48 -4.34 11.78
C PRO A 188 -12.54 -5.48 10.77
N VAL A 189 -11.60 -6.41 10.87
CA VAL A 189 -11.57 -7.57 10.00
C VAL A 189 -11.38 -8.83 10.83
N PRO A 190 -11.81 -10.00 10.31
CA PRO A 190 -11.62 -11.17 11.18
C PRO A 190 -10.13 -11.49 11.40
N ALA A 191 -9.82 -12.00 12.59
CA ALA A 191 -8.44 -12.08 13.05
C ALA A 191 -7.72 -13.23 12.38
N ASN A 192 -8.49 -14.15 11.80
CA ASN A 192 -7.95 -15.33 11.15
C ASN A 192 -7.94 -15.15 9.64
N LEU A 193 -8.07 -13.91 9.19
CA LEU A 193 -8.06 -13.63 7.77
C LEU A 193 -6.63 -13.38 7.28
N TYR A 194 -6.21 -14.17 6.30
CA TYR A 194 -4.84 -14.09 5.80
C TYR A 194 -4.82 -13.63 4.37
N ALA A 195 -3.76 -12.91 4.04
CA ALA A 195 -3.50 -12.43 2.69
C ALA A 195 -2.20 -13.08 2.19
N THR A 196 -2.28 -13.71 1.02
CA THR A 196 -1.10 -14.18 0.34
C THR A 196 -0.88 -13.22 -0.80
N ILE A 197 0.31 -12.60 -0.83
CA ILE A 197 0.75 -11.72 -1.91
C ILE A 197 1.81 -12.45 -2.74
N ILE A 198 1.64 -12.46 -4.06
CA ILE A 198 2.69 -12.89 -4.96
C ILE A 198 3.10 -11.73 -5.88
N HIS A 199 4.41 -11.47 -5.91
CA HIS A 199 4.93 -10.47 -6.77
C HIS A 199 5.82 -11.07 -7.86
N PRO A 200 5.33 -11.08 -9.13
CA PRO A 200 6.11 -11.61 -10.25
C PRO A 200 7.26 -10.69 -10.64
N HIS A 201 8.39 -11.26 -11.05
CA HIS A 201 9.56 -10.44 -11.44
C HIS A 201 9.46 -9.94 -12.88
N VAL A 202 8.52 -9.05 -13.10
CA VAL A 202 8.26 -8.51 -14.42
C VAL A 202 7.63 -7.14 -14.15
N GLU A 203 7.76 -6.20 -15.07
CA GLU A 203 7.14 -4.94 -14.75
C GLU A 203 6.10 -4.48 -15.73
N VAL A 204 4.90 -4.37 -15.20
CA VAL A 204 3.78 -3.76 -15.86
C VAL A 204 3.79 -2.31 -15.39
N GLN A 205 3.78 -1.38 -16.35
CA GLN A 205 3.68 0.05 -16.04
C GLN A 205 2.37 0.45 -15.33
N THR A 206 2.45 1.38 -14.38
CA THR A 206 1.24 1.97 -13.74
C THR A 206 0.47 2.78 -14.79
N LYS A 207 1.24 3.46 -15.64
CA LYS A 207 0.76 4.25 -16.78
C LYS A 207 -0.22 3.46 -17.67
N ASP A 208 0.15 2.23 -18.06
CA ASP A 208 -0.65 1.40 -18.97
C ASP A 208 -1.83 0.76 -18.26
N ALA A 209 -1.65 0.49 -16.96
CA ALA A 209 -2.73 0.04 -16.09
C ALA A 209 -3.83 1.08 -15.81
N ARG A 210 -3.53 2.38 -15.98
CA ARG A 210 -4.51 3.47 -15.85
C ARG A 210 -5.26 3.69 -17.14
N ASN A 211 -4.48 3.88 -18.21
CA ASN A 211 -5.01 4.09 -19.56
C ASN A 211 -5.93 3.01 -20.06
N ILE A 212 -5.74 1.81 -19.57
CA ILE A 212 -6.52 0.70 -20.11
C ILE A 212 -7.92 0.59 -19.49
N LEU A 213 -8.14 1.24 -18.34
CA LEU A 213 -9.48 1.27 -17.73
C LEU A 213 -10.49 1.92 -18.67
N PRO A 214 -11.74 1.42 -18.68
CA PRO A 214 -12.81 2.11 -19.45
C PRO A 214 -13.07 3.51 -18.90
N LYS A 215 -13.48 4.43 -19.77
CA LYS A 215 -13.84 5.77 -19.31
C LYS A 215 -15.28 5.77 -18.86
N GLN A 216 -16.09 4.96 -19.54
CA GLN A 216 -17.53 4.82 -19.30
C GLN A 216 -17.82 3.37 -18.99
N ILE A 217 -18.75 3.12 -18.08
CA ILE A 217 -19.22 1.74 -17.83
C ILE A 217 -20.73 1.69 -17.82
N ALA A 218 -21.30 0.53 -18.10
CA ALA A 218 -22.75 0.40 -18.11
C ALA A 218 -23.31 0.53 -16.66
N LEU A 219 -24.49 1.11 -16.51
CA LEU A 219 -25.10 1.27 -15.20
C LEU A 219 -25.24 -0.07 -14.48
N SER A 220 -25.78 -1.06 -15.18
CA SER A 220 -25.98 -2.41 -14.64
C SER A 220 -24.68 -3.07 -14.18
N GLN A 221 -23.56 -2.77 -14.85
CA GLN A 221 -22.24 -3.20 -14.39
C GLN A 221 -21.86 -2.48 -13.10
N ALA A 222 -22.12 -1.17 -13.04
CA ALA A 222 -21.80 -0.43 -11.83
C ALA A 222 -22.61 -0.96 -10.62
N VAL A 223 -23.90 -1.24 -10.85
CA VAL A 223 -24.80 -1.74 -9.81
C VAL A 223 -24.27 -3.07 -9.31
N ALA A 224 -23.95 -3.97 -10.22
CA ALA A 224 -23.33 -5.24 -9.85
C ALA A 224 -22.14 -4.99 -8.93
N GLN A 225 -21.32 -3.98 -9.27
CA GLN A 225 -20.10 -3.74 -8.48
C GLN A 225 -20.42 -3.14 -7.10
N TRP A 226 -21.35 -2.19 -7.03
CA TRP A 226 -21.55 -1.60 -5.70
C TRP A 226 -22.35 -2.46 -4.72
N GLY A 227 -23.17 -3.36 -5.28
CA GLY A 227 -23.68 -4.49 -4.52
C GLY A 227 -22.52 -5.24 -3.86
N ASN A 228 -21.48 -5.55 -4.63
CA ASN A 228 -20.36 -6.36 -4.14
C ASN A 228 -19.55 -5.64 -3.09
N VAL A 229 -19.36 -4.35 -3.28
CA VAL A 229 -18.60 -3.54 -2.34
C VAL A 229 -19.33 -3.50 -1.01
N GLY A 230 -20.66 -3.42 -1.08
CA GLY A 230 -21.47 -3.51 0.14
C GLY A 230 -21.36 -4.89 0.78
N GLY A 231 -21.36 -5.92 -0.06
CA GLY A 231 -21.32 -7.30 0.38
C GLY A 231 -20.00 -7.56 1.08
N LEU A 232 -18.93 -6.94 0.57
CA LEU A 232 -17.59 -7.11 1.13
C LEU A 232 -17.44 -6.37 2.48
N VAL A 233 -17.85 -5.11 2.53
CA VAL A 233 -17.82 -4.35 3.77
C VAL A 233 -18.64 -5.02 4.89
N ALA A 234 -19.83 -5.51 4.56
CA ALA A 234 -20.68 -6.20 5.53
C ALA A 234 -20.02 -7.49 5.97
N GLY A 235 -19.56 -8.28 5.00
CA GLY A 235 -18.74 -9.48 5.26
C GLY A 235 -17.55 -9.30 6.19
N LEU A 236 -16.86 -8.17 6.14
CA LEU A 236 -15.74 -7.95 7.04
C LEU A 236 -16.20 -7.50 8.40
N LEU A 237 -17.09 -6.52 8.43
CA LEU A 237 -17.62 -6.04 9.70
C LEU A 237 -18.31 -7.12 10.54
N MSE A 238 -18.76 -8.20 9.90
CA MSE A 238 -19.59 -9.20 10.57
C MSE A 238 -18.88 -10.49 10.67
O MSE A 238 -19.48 -11.51 10.96
CB MSE A 238 -20.85 -9.48 9.76
CG MSE A 238 -21.83 -8.31 9.68
SE MSE A 238 -22.04 -7.48 11.44
CE MSE A 238 -23.80 -6.66 11.25
N ASN A 239 -17.57 -10.48 10.41
CA ASN A 239 -16.77 -11.68 10.44
C ASN A 239 -17.42 -12.85 9.70
N ASP A 240 -18.12 -12.58 8.61
CA ASP A 240 -18.64 -13.68 7.79
C ASP A 240 -17.71 -13.93 6.59
N THR A 241 -17.36 -15.21 6.41
CA THR A 241 -16.39 -15.69 5.42
C THR A 241 -17.01 -15.93 4.06
N SER A 242 -18.12 -16.66 4.06
CA SER A 242 -18.80 -17.08 2.86
C SER A 242 -19.29 -15.91 1.99
N LEU A 243 -19.61 -14.78 2.65
CA LEU A 243 -20.13 -13.58 2.00
C LEU A 243 -18.99 -12.86 1.30
N ILE A 244 -17.84 -12.75 1.98
CA ILE A 244 -16.60 -12.23 1.40
C ILE A 244 -16.20 -12.98 0.12
N GLY A 245 -16.24 -14.30 0.16
CA GLY A 245 -15.94 -15.11 -1.01
C GLY A 245 -16.77 -14.68 -2.19
N ARG A 246 -18.09 -14.57 -1.96
CA ARG A 246 -19.01 -14.26 -3.04
C ARG A 246 -18.90 -12.81 -3.47
N SER A 247 -18.60 -11.92 -2.54
CA SER A 247 -18.43 -10.49 -2.81
C SER A 247 -17.15 -10.09 -3.53
N MSE A 248 -16.15 -10.97 -3.56
CA MSE A 248 -14.93 -10.62 -4.22
C MSE A 248 -14.94 -10.95 -5.68
O MSE A 248 -14.17 -11.79 -6.14
CB MSE A 248 -13.85 -11.40 -3.55
CG MSE A 248 -13.43 -10.53 -2.38
SE MSE A 248 -12.11 -11.65 -1.47
CE MSE A 248 -10.58 -11.06 -2.59
N GLN A 249 -15.85 -10.30 -6.41
CA GLN A 249 -15.95 -10.40 -7.87
C GLN A 249 -15.74 -8.99 -8.38
N ASP A 250 -14.87 -8.83 -9.37
CA ASP A 250 -14.64 -7.54 -9.95
C ASP A 250 -14.97 -7.66 -11.41
N HIS A 251 -16.02 -6.99 -11.84
CA HIS A 251 -16.43 -7.13 -13.23
C HIS A 251 -16.00 -5.97 -14.15
N ILE A 252 -15.27 -5.02 -13.61
CA ILE A 252 -14.91 -3.84 -14.36
C ILE A 252 -13.40 -3.70 -14.58
N VAL A 253 -12.65 -3.68 -13.49
CA VAL A 253 -11.24 -3.30 -13.53
C VAL A 253 -10.36 -4.50 -13.87
N GLU A 254 -10.45 -5.57 -13.08
CA GLU A 254 -9.66 -6.77 -13.32
C GLU A 254 -9.79 -7.31 -14.77
N PRO A 255 -11.02 -7.47 -15.33
CA PRO A 255 -11.06 -7.93 -16.73
C PRO A 255 -10.32 -6.98 -17.70
N ALA A 256 -10.31 -5.68 -17.44
CA ALA A 256 -9.53 -4.73 -18.26
C ALA A 256 -8.01 -4.84 -18.04
N ARG A 257 -7.56 -4.93 -16.79
CA ARG A 257 -6.13 -4.96 -16.49
C ARG A 257 -5.44 -6.30 -16.61
N SER A 258 -6.19 -7.38 -16.48
CA SER A 258 -5.58 -8.69 -16.39
C SER A 258 -4.81 -9.05 -17.67
N VAL A 259 -5.18 -8.49 -18.82
CA VAL A 259 -4.41 -8.70 -20.04
C VAL A 259 -2.96 -8.24 -19.93
N LEU A 260 -2.70 -7.25 -19.04
CA LEU A 260 -1.35 -6.74 -18.82
C LEU A 260 -0.52 -7.65 -17.94
N ILE A 261 -1.14 -8.59 -17.23
CA ILE A 261 -0.37 -9.37 -16.27
C ILE A 261 -0.14 -10.79 -16.76
N PRO A 262 1.12 -11.13 -17.02
CA PRO A 262 1.38 -12.46 -17.59
C PRO A 262 0.91 -13.57 -16.66
N GLY A 263 0.14 -14.52 -17.19
CA GLY A 263 -0.29 -15.69 -16.44
C GLY A 263 -1.41 -15.45 -15.46
N PHE A 264 -2.01 -14.27 -15.51
CA PHE A 264 -2.97 -13.89 -14.50
C PHE A 264 -4.05 -14.94 -14.34
N ASP A 265 -4.65 -15.34 -15.44
CA ASP A 265 -5.76 -16.26 -15.38
C ASP A 265 -5.40 -17.60 -14.72
N ASP A 266 -4.23 -18.14 -15.08
CA ASP A 266 -3.76 -19.38 -14.47
C ASP A 266 -3.44 -19.23 -13.01
N VAL A 267 -2.86 -18.08 -12.65
CA VAL A 267 -2.46 -17.84 -11.28
C VAL A 267 -3.72 -17.72 -10.42
N LYS A 268 -4.74 -17.04 -10.93
CA LYS A 268 -5.97 -16.83 -10.19
C LYS A 268 -6.68 -18.17 -9.97
N LYS A 269 -6.75 -18.96 -11.04
CA LYS A 269 -7.36 -20.26 -10.97
C LYS A 269 -6.64 -21.15 -10.01
N ALA A 270 -5.32 -21.07 -9.97
CA ALA A 270 -4.55 -21.89 -9.06
C ALA A 270 -4.83 -21.48 -7.59
N ALA A 271 -4.95 -20.19 -7.32
CA ALA A 271 -5.29 -19.74 -5.99
C ALA A 271 -6.68 -20.20 -5.59
N LEU A 272 -7.64 -20.09 -6.49
CA LEU A 272 -9.00 -20.52 -6.18
C LEU A 272 -9.07 -22.03 -5.99
N ASP A 273 -8.41 -22.80 -6.87
CA ASP A 273 -8.32 -24.27 -6.64
C ASP A 273 -7.59 -24.62 -5.33
N ALA A 274 -6.69 -23.78 -4.85
CA ALA A 274 -6.04 -24.12 -3.58
C ALA A 274 -6.90 -23.69 -2.38
N GLY A 275 -8.09 -23.14 -2.66
CA GLY A 275 -9.06 -22.86 -1.61
C GLY A 275 -9.09 -21.40 -1.15
N ALA A 276 -8.65 -20.47 -1.99
CA ALA A 276 -8.70 -19.06 -1.60
C ALA A 276 -10.14 -18.60 -1.52
N LEU A 277 -10.43 -17.68 -0.59
CA LEU A 277 -11.73 -17.02 -0.53
C LEU A 277 -11.99 -16.30 -1.82
N GLY A 278 -10.95 -15.63 -2.29
CA GLY A 278 -11.02 -14.84 -3.49
C GLY A 278 -9.63 -14.35 -3.78
N CYS A 279 -9.45 -13.82 -4.98
CA CYS A 279 -8.15 -13.52 -5.48
C CYS A 279 -8.28 -12.48 -6.56
N SER A 280 -7.45 -11.43 -6.49
CA SER A 280 -7.42 -10.41 -7.52
C SER A 280 -6.08 -9.66 -7.66
N ILE A 281 -6.06 -8.64 -8.52
CA ILE A 281 -4.88 -7.83 -8.69
C ILE A 281 -4.67 -6.96 -7.47
N SER A 282 -3.44 -6.84 -7.01
CA SER A 282 -3.15 -5.92 -5.92
C SER A 282 -2.86 -4.55 -6.48
N GLY A 283 -3.60 -3.54 -6.04
CA GLY A 283 -3.45 -2.18 -6.58
C GLY A 283 -3.50 -2.18 -8.12
N SER A 284 -2.46 -1.68 -8.77
CA SER A 284 -2.48 -1.66 -10.22
C SER A 284 -1.61 -2.80 -10.82
N GLY A 285 -1.17 -3.73 -9.97
CA GLY A 285 -0.42 -4.88 -10.45
C GLY A 285 1.03 -4.57 -10.72
N PRO A 286 1.81 -5.58 -11.17
CA PRO A 286 1.40 -6.97 -11.49
C PRO A 286 1.20 -7.92 -10.28
N SER A 287 1.43 -7.45 -9.05
CA SER A 287 1.15 -8.29 -7.88
C SER A 287 -0.30 -8.71 -7.74
N ILE A 288 -0.48 -9.90 -7.17
CA ILE A 288 -1.76 -10.55 -7.03
C ILE A 288 -1.89 -10.98 -5.58
N PHE A 289 -3.09 -10.86 -5.03
CA PHE A 289 -3.29 -11.28 -3.65
C PHE A 289 -4.44 -12.25 -3.57
N ALA A 290 -4.41 -13.09 -2.54
CA ALA A 290 -5.53 -13.98 -2.28
C ALA A 290 -5.87 -13.88 -0.80
N LEU A 291 -7.14 -14.09 -0.46
CA LEU A 291 -7.51 -14.11 0.93
C LEU A 291 -7.87 -15.52 1.30
N SER A 292 -7.53 -15.91 2.52
CA SER A 292 -7.95 -17.20 3.06
C SER A 292 -8.16 -17.07 4.57
N THR A 293 -8.55 -18.18 5.22
CA THR A 293 -8.89 -18.13 6.64
C THR A 293 -7.96 -18.89 7.59
N SER A 294 -6.78 -19.27 7.12
CA SER A 294 -5.74 -19.84 8.00
C SER A 294 -4.36 -19.75 7.35
N GLN A 295 -3.33 -19.81 8.19
CA GLN A 295 -1.96 -19.75 7.73
C GLN A 295 -1.58 -21.04 7.03
N GLU A 296 -2.24 -22.47 7.31
CA GLU A 296 -2.04 -23.52 6.35
C GLU A 296 -2.53 -23.13 4.96
N ALA A 297 -3.76 -22.60 4.87
CA ALA A 297 -4.38 -22.28 3.57
C ALA A 297 -3.59 -21.22 2.81
N ALA A 298 -3.18 -20.16 3.52
CA ALA A 298 -2.46 -19.08 2.89
C ALA A 298 -1.17 -19.60 2.28
N GLN A 299 -0.48 -20.48 2.98
CA GLN A 299 0.77 -21.02 2.48
C GLN A 299 0.62 -21.87 1.25
N LYS A 300 -0.36 -22.78 1.25
CA LYS A 300 -0.57 -23.57 0.05
C LYS A 300 -1.14 -22.77 -1.15
N ILE A 301 -1.89 -21.72 -0.87
CA ILE A 301 -2.25 -20.79 -1.93
C ILE A 301 -0.99 -20.16 -2.54
N GLY A 302 -0.08 -19.70 -1.70
CA GLY A 302 1.16 -19.10 -2.14
C GLY A 302 1.97 -20.05 -2.99
N GLN A 303 2.07 -21.30 -2.56
CA GLN A 303 2.74 -22.34 -3.32
C GLN A 303 2.13 -22.61 -4.69
N ALA A 304 0.80 -22.53 -4.80
CA ALA A 304 0.15 -22.78 -6.07
C ALA A 304 0.27 -21.60 -7.06
N MSE A 305 0.26 -20.38 -6.52
CA MSE A 305 0.49 -19.19 -7.33
C MSE A 305 1.93 -19.17 -7.83
O MSE A 305 2.16 -18.96 -9.02
CB MSE A 305 0.10 -17.92 -6.61
CG MSE A 305 -1.40 -17.87 -6.29
SE MSE A 305 -1.89 -16.08 -5.56
CE MSE A 305 -0.93 -16.03 -3.83
N LYS A 306 2.89 -19.42 -6.94
CA LYS A 306 4.30 -19.57 -7.35
C LYS A 306 4.47 -20.58 -8.49
N LYS A 307 3.75 -21.70 -8.39
CA LYS A 307 3.86 -22.74 -9.38
C LYS A 307 3.28 -22.27 -10.74
N GLY A 308 2.24 -21.42 -10.69
CA GLY A 308 1.71 -20.77 -11.89
C GLY A 308 2.74 -19.89 -12.61
N PHE A 309 3.45 -19.04 -11.88
CA PHE A 309 4.44 -18.19 -12.53
C PHE A 309 5.69 -18.94 -12.95
N ASP A 310 6.10 -19.94 -12.18
CA ASP A 310 7.23 -20.76 -12.54
C ASP A 310 6.97 -21.47 -13.85
N ALA A 311 5.71 -21.84 -14.10
CA ALA A 311 5.40 -22.65 -15.30
C ALA A 311 5.51 -21.79 -16.57
N ILE A 312 5.57 -20.47 -16.40
CA ILE A 312 5.84 -19.59 -17.53
C ILE A 312 7.18 -18.87 -17.37
N ASN A 313 8.02 -19.39 -16.47
CA ASN A 313 9.41 -18.97 -16.31
C ASN A 313 9.52 -17.52 -15.83
N ILE A 314 8.60 -17.12 -14.97
CA ILE A 314 8.70 -15.82 -14.33
C ILE A 314 8.97 -15.97 -12.83
N GLY A 315 10.07 -15.36 -12.35
CA GLY A 315 10.44 -15.35 -10.94
C GLY A 315 9.40 -14.64 -10.08
N SER A 316 9.33 -14.99 -8.81
CA SER A 316 8.22 -14.59 -7.97
C SER A 316 8.64 -14.57 -6.48
N ASP A 317 8.07 -13.64 -5.73
CA ASP A 317 8.21 -13.62 -4.27
C ASP A 317 6.84 -13.70 -3.66
N VAL A 318 6.72 -14.50 -2.61
CA VAL A 318 5.45 -14.75 -1.94
C VAL A 318 5.55 -14.22 -0.51
N TYR A 319 4.51 -13.53 -0.05
CA TYR A 319 4.45 -13.08 1.34
C TYR A 319 3.09 -13.49 1.93
N VAL A 320 3.11 -13.88 3.19
CA VAL A 320 1.89 -14.37 3.82
C VAL A 320 1.79 -13.68 5.16
N SER A 321 0.65 -13.07 5.43
CA SER A 321 0.41 -12.47 6.73
C SER A 321 -1.06 -12.22 6.98
N THR A 322 -1.42 -12.00 8.25
CA THR A 322 -2.69 -11.36 8.57
C THR A 322 -2.59 -9.85 8.22
N VAL A 323 -3.70 -9.12 8.33
CA VAL A 323 -3.70 -7.68 8.14
C VAL A 323 -2.87 -7.03 9.23
N ASN A 324 -1.97 -6.13 8.83
CA ASN A 324 -1.04 -5.49 9.73
C ASN A 324 -1.76 -4.32 10.40
N GLN A 325 -2.10 -4.46 11.68
CA GLN A 325 -2.81 -3.44 12.42
C GLN A 325 -1.91 -2.30 12.91
N GLN A 326 -0.61 -2.49 12.89
CA GLN A 326 0.31 -1.50 13.42
C GLN A 326 0.50 -0.31 12.49
N GLY A 327 0.74 -0.58 11.22
CA GLY A 327 1.10 0.47 10.29
C GLY A 327 2.59 0.71 10.43
N PRO A 328 3.02 1.99 10.45
CA PRO A 328 4.47 2.22 10.55
C PRO A 328 5.04 1.88 11.93
N LYS A 329 6.36 1.76 11.99
CA LYS A 329 7.05 1.13 13.11
C LYS A 329 8.45 1.74 13.19
N VAL A 330 8.88 2.18 14.36
CA VAL A 330 10.23 2.70 14.56
C VAL A 330 11.15 1.50 14.71
N ILE A 331 12.27 1.48 14.01
CA ILE A 331 13.15 0.27 14.00
C ILE A 331 14.63 0.51 14.35
#